data_4PXY
#
_entry.id   4PXY
#
_cell.length_a   132.666
_cell.length_b   132.666
_cell.length_c   75.476
_cell.angle_alpha   90.000
_cell.angle_beta   90.000
_cell.angle_gamma   120.000
#
_symmetry.space_group_name_H-M   'H 3'
#
loop_
_entity.id
_entity.type
_entity.pdbx_description
1 polymer 'Uncharacterized protein'
2 non-polymer '2-(N-MORPHOLINO)-ETHANESULFONIC ACID'
3 non-polymer 'ZINC ION'
4 non-polymer 'CHLORIDE ION'
5 non-polymer 1,2-ETHANEDIOL
6 water water
#
_entity_poly.entity_id   1
_entity_poly.type   'polypeptide(L)'
_entity_poly.pdbx_seq_one_letter_code
;GQVPEGYPANYAKAPRFKALIYYTQHAEEAHVQFAEQATTFFKKLNYGDGFVLDITTDFSKYPYEKLKEYNVII(MSE)L
NTSPNTKAERDAFEQY(MSE)ENGGGWVGFHAAAYNDKNTHWPWFVKFLGGGVFYCNNWPPQPVLVEVDNEEHPVTKNLP
ASFVAPASEWYQWTPSPRQNKDVEVLLSLSPKNYPLGIKDVVNFGDFPIVWSNKNYR(MSE)IYLN(MSE)GHGDEEFID
GTQNLLLVNAFRWVVSKDKSGNPFLK
;
_entity_poly.pdbx_strand_id   A,B
#
# COMPACT_ATOMS: atom_id res chain seq x y z
N TYR A 7 24.68 -24.84 -18.02
CA TYR A 7 23.73 -23.72 -18.32
C TYR A 7 23.88 -22.66 -17.25
N PRO A 8 24.05 -21.37 -17.66
CA PRO A 8 24.43 -20.47 -16.59
C PRO A 8 23.28 -19.86 -15.82
N ALA A 9 22.02 -20.23 -16.12
CA ALA A 9 20.88 -19.55 -15.50
C ALA A 9 19.94 -20.50 -14.73
N ASN A 10 19.46 -20.01 -13.61
CA ASN A 10 18.48 -20.71 -12.75
C ASN A 10 17.18 -19.87 -12.79
N TYR A 11 16.25 -20.39 -13.58
CA TYR A 11 14.92 -19.80 -13.75
C TYR A 11 14.01 -20.29 -12.65
N ALA A 12 13.36 -19.36 -11.97
CA ALA A 12 12.44 -19.74 -10.88
C ALA A 12 11.28 -20.53 -11.41
N LYS A 13 10.87 -21.54 -10.66
CA LYS A 13 9.65 -22.30 -11.00
C LYS A 13 8.43 -21.83 -10.20
N ALA A 14 8.70 -21.04 -9.16
CA ALA A 14 7.66 -20.61 -8.23
C ALA A 14 8.27 -19.44 -7.46
N PRO A 15 7.48 -18.64 -6.73
CA PRO A 15 8.08 -17.55 -5.99
C PRO A 15 9.12 -18.06 -5.00
N ARG A 16 10.22 -17.37 -4.86
CA ARG A 16 11.37 -17.88 -4.12
C ARG A 16 11.33 -17.65 -2.61
N PHE A 17 10.66 -16.59 -2.17
CA PHE A 17 10.69 -16.16 -0.78
C PHE A 17 9.53 -15.19 -0.59
N LYS A 18 9.29 -14.81 0.64
CA LYS A 18 8.26 -13.81 0.96
C LYS A 18 8.91 -12.56 1.59
N ALA A 19 8.40 -11.38 1.21
CA ALA A 19 8.85 -10.09 1.71
C ALA A 19 7.64 -9.26 2.14
N LEU A 20 7.82 -8.52 3.22
CA LEU A 20 6.82 -7.59 3.70
C LEU A 20 7.37 -6.20 3.67
N ILE A 21 6.64 -5.26 3.05
CA ILE A 21 6.91 -3.82 3.14
C ILE A 21 5.98 -3.24 4.18
N TYR A 22 6.55 -2.47 5.09
CA TYR A 22 5.81 -1.66 6.05
C TYR A 22 6.23 -0.21 5.90
N TYR A 23 5.27 0.67 5.76
CA TYR A 23 5.53 2.10 5.88
C TYR A 23 4.31 2.78 6.44
N THR A 24 4.52 4.01 6.87
CA THR A 24 3.41 4.85 7.38
C THR A 24 3.08 6.03 6.47
N GLN A 25 1.80 6.42 6.47
CA GLN A 25 1.38 7.65 5.87
C GLN A 25 1.38 8.79 6.88
N HIS A 26 1.65 8.50 8.13
CA HIS A 26 1.67 9.53 9.22
C HIS A 26 3.13 9.90 9.40
N ALA A 27 3.61 10.72 8.48
CA ALA A 27 5.01 11.17 8.44
C ALA A 27 5.06 12.39 7.56
N GLU A 28 6.18 13.13 7.64
CA GLU A 28 6.30 14.26 6.76
C GLU A 28 6.15 13.77 5.33
N GLU A 29 5.63 14.66 4.50
CA GLU A 29 5.27 14.35 3.13
C GLU A 29 6.42 13.68 2.36
N ALA A 30 7.62 14.19 2.49
CA ALA A 30 8.77 13.63 1.75
C ALA A 30 9.05 12.16 2.10
N HIS A 31 8.74 11.76 3.32
CA HIS A 31 9.00 10.41 3.75
C HIS A 31 7.88 9.48 3.28
N VAL A 32 6.68 10.00 3.07
CA VAL A 32 5.60 9.27 2.45
C VAL A 32 5.87 9.11 0.96
N GLN A 33 6.34 10.16 0.30
CA GLN A 33 6.69 10.10 -1.11
C GLN A 33 7.74 9.07 -1.40
N PHE A 34 8.79 9.05 -0.60
CA PHE A 34 9.82 8.06 -0.80
C PHE A 34 9.26 6.65 -0.66
N ALA A 35 8.50 6.42 0.42
CA ALA A 35 7.90 5.11 0.61
C ALA A 35 7.06 4.65 -0.56
N GLU A 36 6.23 5.56 -1.08
CA GLU A 36 5.39 5.24 -2.23
C GLU A 36 6.21 4.84 -3.46
N GLN A 37 7.23 5.63 -3.75
CA GLN A 37 8.09 5.30 -4.91
C GLN A 37 8.91 4.07 -4.71
N ALA A 38 9.39 3.87 -3.50
CA ALA A 38 10.17 2.66 -3.19
C ALA A 38 9.26 1.42 -3.28
N THR A 39 7.99 1.56 -2.86
CA THR A 39 7.03 0.46 -3.03
C THR A 39 6.86 0.12 -4.50
N THR A 40 6.77 1.12 -5.35
CA THR A 40 6.73 0.88 -6.79
C THR A 40 8.00 0.16 -7.28
N PHE A 41 9.17 0.57 -6.79
CA PHE A 41 10.43 -0.04 -7.13
C PHE A 41 10.40 -1.55 -6.82
N PHE A 42 9.97 -1.91 -5.62
CA PHE A 42 9.89 -3.29 -5.25
C PHE A 42 8.80 -4.04 -5.97
N LYS A 43 7.65 -3.42 -6.23
CA LYS A 43 6.62 -4.02 -7.05
C LYS A 43 7.20 -4.40 -8.40
N LYS A 44 7.96 -3.52 -9.00
CA LYS A 44 8.55 -3.80 -10.32
C LYS A 44 9.56 -4.94 -10.23
N LEU A 45 10.31 -5.01 -9.15
CA LEU A 45 11.22 -6.15 -8.94
C LEU A 45 10.44 -7.45 -8.86
N ASN A 46 9.17 -7.40 -8.46
CA ASN A 46 8.35 -8.58 -8.41
C ASN A 46 7.45 -8.83 -9.61
N TYR A 47 7.65 -8.11 -10.71
CA TYR A 47 6.97 -8.47 -11.92
C TYR A 47 7.30 -9.92 -12.28
N GLY A 48 6.30 -10.72 -12.59
CA GLY A 48 6.50 -12.12 -12.85
C GLY A 48 6.57 -12.97 -11.60
N ASP A 49 6.29 -12.39 -10.44
CA ASP A 49 6.18 -13.18 -9.20
C ASP A 49 7.42 -14.00 -8.88
N GLY A 50 8.57 -13.32 -8.94
CA GLY A 50 9.80 -13.90 -8.41
C GLY A 50 9.77 -14.21 -6.94
N PHE A 51 8.95 -13.45 -6.21
CA PHE A 51 8.80 -13.57 -4.76
C PHE A 51 7.34 -13.23 -4.42
N VAL A 52 6.99 -13.38 -3.15
CA VAL A 52 5.67 -12.99 -2.65
C VAL A 52 5.96 -11.64 -1.96
N LEU A 53 5.23 -10.62 -2.36
CA LEU A 53 5.39 -9.28 -1.77
C LEU A 53 4.07 -8.86 -1.17
N ASP A 54 4.09 -8.62 0.14
CA ASP A 54 2.88 -8.11 0.88
C ASP A 54 3.25 -6.70 1.36
N ILE A 55 2.26 -5.82 1.33
CA ILE A 55 2.45 -4.43 1.69
C ILE A 55 1.45 -4.03 2.75
N THR A 56 1.91 -3.30 3.76
CA THR A 56 1.03 -2.88 4.83
C THR A 56 1.42 -1.48 5.32
N THR A 57 0.41 -0.73 5.78
CA THR A 57 0.67 0.46 6.60
C THR A 57 0.32 0.23 8.06
N ASP A 58 0.06 -1.01 8.45
CA ASP A 58 -0.42 -1.32 9.80
C ASP A 58 0.25 -2.55 10.37
N PHE A 59 1.36 -2.31 11.06
CA PHE A 59 2.18 -3.34 11.60
C PHE A 59 1.55 -4.04 12.82
N SER A 60 0.44 -3.48 13.34
CA SER A 60 -0.27 -4.09 14.47
C SER A 60 -0.83 -5.45 14.16
N LYS A 61 -1.00 -5.79 12.87
CA LYS A 61 -1.61 -7.03 12.44
C LYS A 61 -0.59 -8.14 12.29
N TYR A 62 0.65 -7.86 12.75
CA TYR A 62 1.78 -8.76 12.48
C TYR A 62 2.51 -9.18 13.78
N PRO A 63 1.86 -9.96 14.63
CA PRO A 63 2.63 -10.55 15.72
C PRO A 63 3.70 -11.47 15.15
N TYR A 64 4.63 -11.86 16.01
CA TYR A 64 5.71 -12.72 15.60
C TYR A 64 5.26 -13.96 14.79
N GLU A 65 4.20 -14.63 15.22
CA GLU A 65 3.74 -15.81 14.49
C GLU A 65 3.37 -15.52 13.03
N LYS A 66 2.95 -14.29 12.74
CA LYS A 66 2.60 -13.87 11.37
C LYS A 66 3.76 -13.23 10.65
N LEU A 67 4.84 -12.91 11.36
CA LEU A 67 6.05 -12.41 10.72
C LEU A 67 7.05 -13.47 10.28
N LYS A 68 7.06 -14.57 11.03
CA LYS A 68 8.12 -15.57 10.90
C LYS A 68 8.24 -16.18 9.51
N GLU A 69 7.16 -16.17 8.76
CA GLU A 69 7.12 -16.70 7.39
CA GLU A 69 7.27 -16.77 7.43
C GLU A 69 7.87 -15.82 6.40
N TYR A 70 8.12 -14.57 6.79
CA TYR A 70 8.79 -13.62 5.85
C TYR A 70 10.29 -13.76 5.92
N ASN A 71 10.91 -13.88 4.75
CA ASN A 71 12.37 -13.79 4.66
C ASN A 71 12.86 -12.41 5.12
N VAL A 72 12.12 -11.37 4.72
CA VAL A 72 12.59 -10.01 4.99
C VAL A 72 11.43 -9.06 5.18
N ILE A 73 11.64 -8.09 6.07
CA ILE A 73 10.75 -6.95 6.26
C ILE A 73 11.52 -5.73 5.79
N ILE A 74 10.92 -4.99 4.88
CA ILE A 74 11.45 -3.74 4.33
C ILE A 74 10.71 -2.59 5.01
N LEU A 76 10.37 1.26 5.05
CA LEU A 76 10.71 2.39 4.20
C LEU A 76 10.79 3.74 4.82
N ASN A 77 10.13 3.95 5.95
CA ASN A 77 10.09 5.28 6.54
C ASN A 77 9.96 5.40 8.04
N THR A 78 9.67 4.31 8.75
CA THR A 78 9.45 4.38 10.18
C THR A 78 9.71 3.02 10.83
N SER A 79 9.82 3.03 12.16
CA SER A 79 9.95 1.80 12.94
C SER A 79 8.72 1.65 13.82
N PRO A 80 8.49 0.43 14.36
CA PRO A 80 7.37 0.17 15.26
C PRO A 80 7.39 1.11 16.46
N ASN A 81 6.21 1.57 16.86
CA ASN A 81 6.10 2.53 17.94
C ASN A 81 5.35 1.99 19.17
N THR A 82 4.60 0.92 19.05
CA THR A 82 3.89 0.39 20.20
C THR A 82 4.70 -0.75 20.78
N LYS A 83 4.51 -1.02 22.06
CA LYS A 83 5.22 -2.17 22.66
C LYS A 83 4.95 -3.49 21.97
N ALA A 84 3.70 -3.80 21.64
CA ALA A 84 3.40 -5.08 21.00
C ALA A 84 4.12 -5.19 19.62
N GLU A 85 4.08 -4.13 18.85
CA GLU A 85 4.74 -4.14 17.54
C GLU A 85 6.25 -4.27 17.66
N ARG A 86 6.81 -3.52 18.61
CA ARG A 86 8.24 -3.60 18.87
C ARG A 86 8.65 -4.98 19.33
N ASP A 87 7.88 -5.59 20.19
CA ASP A 87 8.22 -6.91 20.68
C ASP A 87 8.13 -7.99 19.57
N ALA A 88 7.14 -7.83 18.68
CA ALA A 88 7.04 -8.75 17.54
C ALA A 88 8.26 -8.63 16.65
N PHE A 89 8.66 -7.41 16.34
CA PHE A 89 9.83 -7.20 15.50
C PHE A 89 11.11 -7.75 16.14
N GLU A 90 11.29 -7.49 17.43
CA GLU A 90 12.44 -8.07 18.17
C GLU A 90 12.50 -9.59 18.06
N GLN A 91 11.39 -10.26 18.35
CA GLN A 91 11.39 -11.71 18.30
C GLN A 91 11.71 -12.19 16.88
N TYR A 92 11.12 -11.52 15.90
CA TYR A 92 11.39 -11.85 14.53
C TYR A 92 12.91 -11.78 14.24
N GLU A 94 15.41 -11.68 16.28
CA GLU A 94 16.23 -12.57 17.12
C GLU A 94 16.16 -14.04 16.70
N ASN A 95 15.17 -14.39 15.91
CA ASN A 95 14.99 -15.73 15.40
C ASN A 95 15.32 -15.86 13.90
N GLY A 96 16.15 -14.97 13.40
CA GLY A 96 16.73 -15.12 12.06
C GLY A 96 16.00 -14.38 10.96
N GLY A 97 15.14 -13.46 11.31
CA GLY A 97 14.45 -12.64 10.35
C GLY A 97 15.36 -11.65 9.62
N GLY A 98 14.85 -11.07 8.56
CA GLY A 98 15.62 -10.16 7.70
C GLY A 98 15.02 -8.78 7.74
N TRP A 99 15.92 -7.80 7.60
CA TRP A 99 15.50 -6.40 7.60
C TRP A 99 16.25 -5.54 6.62
N VAL A 100 15.52 -4.69 5.89
CA VAL A 100 16.11 -3.63 5.07
C VAL A 100 15.42 -2.38 5.51
N GLY A 101 16.14 -1.46 6.15
CA GLY A 101 15.59 -0.24 6.69
C GLY A 101 16.14 0.99 6.00
N PHE A 102 15.32 1.99 5.88
CA PHE A 102 15.67 3.26 5.26
C PHE A 102 15.41 4.45 6.13
N HIS A 103 16.35 5.39 6.06
CA HIS A 103 16.09 6.78 6.47
C HIS A 103 15.54 6.83 7.88
N ALA A 104 14.37 7.40 8.09
CA ALA A 104 13.90 7.55 9.44
C ALA A 104 13.38 6.28 10.08
N ALA A 105 13.43 5.14 9.39
CA ALA A 105 13.17 3.88 10.06
C ALA A 105 14.18 3.62 11.18
N ALA A 106 15.35 4.22 11.11
CA ALA A 106 16.36 4.10 12.19
C ALA A 106 16.37 5.26 13.17
N TYR A 107 15.60 6.31 12.88
CA TYR A 107 15.60 7.46 13.75
C TYR A 107 15.31 6.99 15.19
N ASN A 108 16.08 7.47 16.13
CA ASN A 108 15.85 7.25 17.54
C ASN A 108 16.55 8.35 18.30
N ASP A 109 15.96 8.67 19.46
CA ASP A 109 16.45 9.76 20.25
C ASP A 109 16.13 9.51 21.73
N LYS A 110 16.30 10.52 22.59
CA LYS A 110 16.13 10.27 24.04
C LYS A 110 14.70 9.84 24.39
N ASN A 111 13.73 10.10 23.54
CA ASN A 111 12.32 9.77 23.81
C ASN A 111 11.82 8.46 23.18
N THR A 112 12.71 7.75 22.47
CA THR A 112 12.32 6.51 21.84
C THR A 112 12.02 5.39 22.87
N HIS A 113 12.86 5.26 23.88
CA HIS A 113 12.70 4.22 24.95
C HIS A 113 12.62 2.82 24.35
N TRP A 114 13.56 2.52 23.46
CA TRP A 114 13.64 1.19 22.88
C TRP A 114 15.10 0.74 22.77
N PRO A 115 15.71 0.39 23.92
CA PRO A 115 17.11 0.02 23.88
C PRO A 115 17.44 -1.17 23.03
N TRP A 116 16.56 -2.14 22.88
CA TRP A 116 16.82 -3.27 22.00
C TRP A 116 17.15 -2.75 20.60
N PHE A 117 16.36 -1.78 20.11
CA PHE A 117 16.49 -1.29 18.74
C PHE A 117 17.76 -0.47 18.55
N VAL A 118 18.12 0.37 19.52
CA VAL A 118 19.36 1.10 19.46
C VAL A 118 20.51 0.11 19.32
N LYS A 119 20.49 -0.95 20.12
CA LYS A 119 21.51 -2.00 20.00
C LYS A 119 21.47 -2.77 18.65
N PHE A 120 20.28 -3.06 18.18
CA PHE A 120 20.07 -3.71 16.84
C PHE A 120 20.73 -2.89 15.76
N LEU A 121 20.56 -1.57 15.81
CA LEU A 121 21.15 -0.69 14.80
C LEU A 121 22.67 -0.59 14.90
N GLY A 122 23.26 -0.99 16.02
CA GLY A 122 24.69 -0.88 16.21
C GLY A 122 25.12 0.14 17.23
N GLY A 123 24.18 0.77 17.91
CA GLY A 123 24.48 1.64 19.02
C GLY A 123 24.21 3.11 18.79
N GLY A 124 23.97 3.50 17.55
CA GLY A 124 23.89 4.92 17.24
C GLY A 124 22.54 5.57 17.50
N VAL A 125 22.58 6.64 18.30
CA VAL A 125 21.41 7.48 18.57
C VAL A 125 21.54 8.71 17.64
N PHE A 126 20.40 9.22 17.18
CA PHE A 126 20.48 10.38 16.25
C PHE A 126 21.29 11.54 16.86
N TYR A 127 22.16 12.14 16.05
CA TYR A 127 23.06 13.18 16.48
C TYR A 127 22.85 14.48 15.74
N CYS A 128 22.93 14.45 14.42
CA CYS A 128 22.75 15.70 13.65
C CYS A 128 22.48 15.34 12.20
N ASN A 129 22.12 16.37 11.44
CA ASN A 129 21.84 16.20 10.00
C ASN A 129 22.12 17.50 9.27
N ASN A 130 22.36 17.40 7.96
CA ASN A 130 22.41 18.60 7.13
C ASN A 130 21.00 18.94 6.69
N TRP A 131 20.84 20.19 6.26
CA TRP A 131 19.61 20.61 5.62
C TRP A 131 19.96 21.74 4.65
N PRO A 132 19.37 21.77 3.42
CA PRO A 132 18.33 20.91 2.86
C PRO A 132 18.87 19.64 2.26
N PRO A 133 17.96 18.72 1.87
CA PRO A 133 18.38 17.58 1.10
C PRO A 133 19.19 18.01 -0.13
N GLN A 134 20.27 17.29 -0.36
CA GLN A 134 21.12 17.55 -1.52
C GLN A 134 21.87 16.27 -1.85
N PRO A 135 22.33 16.16 -3.08
CA PRO A 135 23.22 15.06 -3.45
C PRO A 135 24.56 15.21 -2.74
N VAL A 136 25.27 14.12 -2.60
CA VAL A 136 26.56 14.07 -1.95
C VAL A 136 27.44 13.03 -2.58
N LEU A 137 28.74 13.22 -2.49
CA LEU A 137 29.72 12.22 -2.89
C LEU A 137 29.75 11.12 -1.82
N VAL A 138 29.61 9.88 -2.24
CA VAL A 138 29.67 8.74 -1.35
C VAL A 138 30.79 7.78 -1.80
N GLU A 139 31.33 7.05 -0.83
CA GLU A 139 32.47 6.21 -0.99
C GLU A 139 32.13 4.83 -0.47
N VAL A 140 32.53 3.79 -1.22
CA VAL A 140 32.34 2.42 -0.83
C VAL A 140 33.44 2.04 0.14
N ASP A 141 33.08 1.50 1.31
CA ASP A 141 34.07 1.13 2.32
C ASP A 141 34.71 -0.19 2.03
N ASN A 142 33.96 -1.14 1.48
CA ASN A 142 34.43 -2.50 1.19
C ASN A 142 34.00 -2.83 -0.22
N GLU A 143 34.92 -2.78 -1.15
CA GLU A 143 34.61 -2.93 -2.54
C GLU A 143 34.29 -4.34 -2.97
N GLU A 144 34.54 -5.30 -2.08
CA GLU A 144 34.33 -6.71 -2.38
C GLU A 144 33.00 -7.25 -1.88
N HIS A 145 32.29 -6.47 -1.10
CA HIS A 145 31.10 -6.99 -0.43
C HIS A 145 29.97 -7.22 -1.44
N PRO A 146 29.08 -8.21 -1.20
CA PRO A 146 27.98 -8.40 -2.15
C PRO A 146 27.12 -7.19 -2.39
N VAL A 147 27.02 -6.28 -1.42
CA VAL A 147 26.19 -5.10 -1.59
C VAL A 147 26.85 -4.10 -2.55
N THR A 148 28.19 -4.09 -2.61
CA THR A 148 28.89 -2.98 -3.28
C THR A 148 29.86 -3.44 -4.38
N LYS A 149 29.97 -4.74 -4.65
CA LYS A 149 31.02 -5.27 -5.56
C LYS A 149 30.86 -4.79 -7.00
N ASN A 150 29.63 -4.50 -7.39
CA ASN A 150 29.35 -4.00 -8.74
C ASN A 150 28.96 -2.52 -8.72
N LEU A 151 29.33 -1.78 -7.67
CA LEU A 151 29.19 -0.32 -7.63
C LEU A 151 30.54 0.35 -7.90
N PRO A 152 30.52 1.53 -8.52
CA PRO A 152 31.74 2.32 -8.59
C PRO A 152 32.23 2.60 -7.15
N ALA A 153 33.55 2.72 -6.97
CA ALA A 153 34.12 2.92 -5.61
C ALA A 153 33.68 4.24 -5.00
N SER A 154 33.37 5.23 -5.82
CA SER A 154 32.79 6.50 -5.35
C SER A 154 31.81 6.98 -6.42
N PHE A 155 30.77 7.66 -5.99
CA PHE A 155 29.72 8.17 -6.87
C PHE A 155 28.93 9.19 -6.14
N VAL A 156 28.19 9.96 -6.89
CA VAL A 156 27.31 10.96 -6.28
C VAL A 156 25.93 10.31 -6.12
N ALA A 157 25.40 10.33 -4.92
CA ALA A 157 24.07 9.85 -4.65
C ALA A 157 23.10 11.00 -4.79
N PRO A 158 21.88 10.74 -5.25
CA PRO A 158 20.88 11.81 -5.33
C PRO A 158 20.49 12.36 -3.98
N ALA A 159 19.70 13.42 -4.02
CA ALA A 159 19.46 14.22 -2.84
C ALA A 159 18.74 13.47 -1.72
N SER A 160 19.22 13.70 -0.52
CA SER A 160 18.57 13.32 0.71
C SER A 160 19.14 14.27 1.76
N GLU A 161 18.49 14.32 2.92
CA GLU A 161 19.14 14.81 4.11
C GLU A 161 19.77 13.61 4.80
N TRP A 162 20.95 13.83 5.35
CA TRP A 162 21.83 12.79 5.81
C TRP A 162 22.07 12.90 7.32
N TYR A 163 22.06 11.77 8.01
CA TYR A 163 22.17 11.73 9.46
C TYR A 163 23.54 11.28 9.95
N GLN A 164 24.03 11.94 10.98
CA GLN A 164 25.08 11.42 11.85
C GLN A 164 24.45 10.90 13.14
N TRP A 165 25.18 9.96 13.76
CA TRP A 165 24.75 9.26 14.93
C TRP A 165 25.83 9.32 15.99
N THR A 166 25.45 9.17 17.24
CA THR A 166 26.45 9.09 18.31
C THR A 166 26.11 7.93 19.24
N PRO A 167 27.07 7.00 19.42
CA PRO A 167 28.35 6.86 18.73
C PRO A 167 28.10 6.58 17.26
N SER A 168 29.11 6.80 16.44
CA SER A 168 29.03 6.30 15.08
C SER A 168 28.77 4.80 15.08
N PRO A 169 27.95 4.28 14.16
CA PRO A 169 27.88 2.81 14.03
C PRO A 169 29.22 2.17 13.77
N ARG A 170 30.15 2.88 13.15
CA ARG A 170 31.47 2.31 12.85
C ARG A 170 32.25 1.93 14.11
N GLN A 171 31.94 2.60 15.24
CA GLN A 171 32.67 2.33 16.47
C GLN A 171 32.40 0.95 17.03
N ASN A 172 31.31 0.34 16.57
CA ASN A 172 30.93 -0.99 16.98
C ASN A 172 31.64 -2.01 16.11
N LYS A 173 32.49 -2.86 16.70
CA LYS A 173 33.23 -3.85 15.93
C LYS A 173 32.39 -4.90 15.27
N ASP A 174 31.16 -5.03 15.73
CA ASP A 174 30.15 -5.92 15.10
C ASP A 174 29.41 -5.34 13.93
N VAL A 175 29.62 -4.06 13.68
CA VAL A 175 29.07 -3.40 12.52
C VAL A 175 30.08 -3.36 11.38
N GLU A 176 29.60 -3.70 10.17
CA GLU A 176 30.37 -3.44 8.97
CA GLU A 176 30.36 -3.45 8.96
C GLU A 176 29.71 -2.26 8.25
N VAL A 177 30.46 -1.15 8.14
CA VAL A 177 30.06 0.01 7.34
C VAL A 177 30.38 -0.31 5.89
N LEU A 178 29.39 -0.11 5.04
CA LEU A 178 29.47 -0.41 3.61
C LEU A 178 29.57 0.79 2.70
N LEU A 179 28.92 1.88 3.06
CA LEU A 179 29.00 3.13 2.27
CA LEU A 179 29.03 3.12 2.29
C LEU A 179 29.03 4.30 3.25
N SER A 180 29.82 5.32 2.92
CA SER A 180 30.03 6.48 3.78
C SER A 180 29.92 7.75 2.92
N LEU A 181 29.47 8.85 3.52
CA LEU A 181 29.44 10.13 2.89
C LEU A 181 30.89 10.66 2.99
N SER A 182 31.48 11.09 1.87
CA SER A 182 32.86 11.51 1.86
C SER A 182 33.05 12.81 2.67
N PRO A 183 34.16 12.93 3.40
CA PRO A 183 34.43 14.19 4.06
C PRO A 183 34.74 15.32 3.07
N LYS A 184 34.93 15.01 1.77
CA LYS A 184 35.06 16.03 0.76
C LYS A 184 33.81 16.85 0.64
N ASN A 185 32.69 16.34 1.13
CA ASN A 185 31.45 17.07 1.13
C ASN A 185 31.39 18.25 2.16
N TYR A 186 32.29 18.23 3.13
CA TYR A 186 32.29 19.26 4.19
C TYR A 186 32.88 20.55 3.69
N PRO A 187 32.32 21.67 4.16
CA PRO A 187 31.15 21.81 4.97
C PRO A 187 29.87 21.53 4.19
N LEU A 188 29.00 20.75 4.80
CA LEU A 188 27.82 20.22 4.14
C LEU A 188 26.55 20.87 4.69
N GLY A 189 25.85 21.61 3.84
CA GLY A 189 24.59 22.17 4.24
C GLY A 189 24.47 23.64 3.89
N ILE A 190 23.24 24.09 3.74
CA ILE A 190 22.91 25.48 3.49
C ILE A 190 22.15 26.09 4.64
N LYS A 191 21.06 25.44 5.09
CA LYS A 191 20.41 25.86 6.33
C LYS A 191 21.18 25.33 7.54
N ASP A 192 21.27 24.00 7.67
CA ASP A 192 21.91 23.34 8.80
C ASP A 192 23.15 22.68 8.28
N VAL A 193 24.28 23.13 8.81
CA VAL A 193 25.60 22.84 8.25
C VAL A 193 26.39 21.87 9.12
N VAL A 194 26.82 20.75 8.55
CA VAL A 194 27.66 19.78 9.20
C VAL A 194 29.10 19.98 8.74
N ASN A 195 30.00 20.11 9.71
CA ASN A 195 31.38 20.51 9.43
C ASN A 195 32.46 19.45 9.53
N PHE A 196 32.17 18.37 10.25
CA PHE A 196 33.15 17.32 10.46
C PHE A 196 32.46 16.11 11.03
N GLY A 197 33.20 15.01 11.07
CA GLY A 197 32.77 13.80 11.75
C GLY A 197 32.68 12.62 10.83
N ASP A 198 32.67 11.44 11.42
CA ASP A 198 32.44 10.22 10.65
C ASP A 198 31.03 10.27 10.08
N PHE A 199 30.82 9.73 8.86
CA PHE A 199 29.49 9.85 8.25
C PHE A 199 29.11 8.55 7.49
N PRO A 200 29.01 7.42 8.21
CA PRO A 200 28.52 6.19 7.57
C PRO A 200 27.07 6.37 7.15
N ILE A 201 26.70 5.79 6.01
CA ILE A 201 25.32 5.88 5.52
C ILE A 201 24.67 4.55 5.19
N VAL A 202 25.45 3.50 4.94
CA VAL A 202 24.92 2.17 4.76
C VAL A 202 25.77 1.23 5.62
N TRP A 203 25.14 0.40 6.44
CA TRP A 203 25.88 -0.54 7.25
C TRP A 203 25.03 -1.73 7.63
N SER A 204 25.71 -2.69 8.23
CA SER A 204 25.05 -3.89 8.77
C SER A 204 25.63 -4.25 10.11
N ASN A 205 24.74 -4.49 11.08
CA ASN A 205 25.12 -5.12 12.33
C ASN A 205 25.15 -6.60 12.07
N LYS A 206 26.36 -7.14 12.05
CA LYS A 206 26.61 -8.53 11.68
C LYS A 206 25.98 -9.54 12.58
N ASN A 207 25.49 -9.13 13.74
CA ASN A 207 24.76 -10.03 14.60
C ASN A 207 23.33 -10.31 14.13
N TYR A 208 22.90 -9.60 13.08
CA TYR A 208 21.54 -9.75 12.55
C TYR A 208 21.61 -9.83 11.03
N ARG A 209 20.53 -10.33 10.41
CA ARG A 209 20.43 -10.38 8.96
C ARG A 209 19.73 -9.09 8.56
N ILE A 211 20.25 -4.76 6.94
CA ILE A 211 21.03 -3.66 6.40
C ILE A 211 20.22 -2.40 6.60
N TYR A 212 20.94 -1.28 6.85
CA TYR A 212 20.35 0.05 6.95
C TYR A 212 20.95 0.95 5.92
N LEU A 213 20.08 1.71 5.26
CA LEU A 213 20.47 2.71 4.22
C LEU A 213 19.87 4.02 4.66
N ASN A 214 20.73 5.04 4.77
CA ASN A 214 20.28 6.32 5.37
C ASN A 214 19.39 7.15 4.43
N GLY A 216 16.43 8.25 1.81
CA GLY A 216 15.03 7.92 1.52
C GLY A 216 14.13 9.11 1.76
N HIS A 217 14.35 10.20 1.02
CA HIS A 217 13.62 11.42 1.23
C HIS A 217 13.08 11.98 -0.08
N GLY A 218 11.78 12.19 -0.20
CA GLY A 218 11.22 12.86 -1.35
C GLY A 218 10.88 12.00 -2.55
N ASP A 219 10.64 12.65 -3.69
CA ASP A 219 10.08 12.01 -4.85
C ASP A 219 11.03 11.93 -6.05
N GLU A 220 12.32 12.04 -5.77
CA GLU A 220 13.36 11.96 -6.82
C GLU A 220 14.53 11.06 -6.43
N GLU A 221 14.31 10.08 -5.53
CA GLU A 221 15.42 9.22 -5.09
C GLU A 221 15.81 8.13 -6.12
N PHE A 222 15.00 7.93 -7.17
CA PHE A 222 15.25 6.87 -8.13
C PHE A 222 15.73 7.38 -9.48
N ILE A 223 16.27 8.62 -9.48
CA ILE A 223 16.73 9.22 -10.72
C ILE A 223 18.06 8.69 -11.26
N ASP A 224 18.82 7.93 -10.48
CA ASP A 224 20.12 7.42 -10.91
C ASP A 224 20.27 5.90 -10.79
N GLY A 225 20.79 5.32 -11.85
CA GLY A 225 21.05 3.89 -11.89
C GLY A 225 21.93 3.40 -10.74
N THR A 226 22.98 4.15 -10.42
CA THR A 226 23.91 3.70 -9.40
C THR A 226 23.27 3.45 -8.06
N GLN A 227 22.53 4.46 -7.56
CA GLN A 227 21.87 4.24 -6.27
C GLN A 227 20.78 3.18 -6.38
N ASN A 228 20.06 3.16 -7.52
CA ASN A 228 19.08 2.11 -7.71
C ASN A 228 19.69 0.73 -7.58
N LEU A 229 20.92 0.56 -8.07
CA LEU A 229 21.63 -0.71 -7.98
C LEU A 229 22.03 -1.04 -6.55
N LEU A 230 22.45 -0.02 -5.79
CA LEU A 230 22.69 -0.20 -4.36
C LEU A 230 21.46 -0.79 -3.66
N LEU A 231 20.27 -0.27 -3.96
CA LEU A 231 19.06 -0.80 -3.35
C LEU A 231 18.76 -2.22 -3.74
N VAL A 232 18.85 -2.55 -5.04
CA VAL A 232 18.68 -3.91 -5.47
C VAL A 232 19.63 -4.81 -4.65
N ASN A 233 20.89 -4.44 -4.61
CA ASN A 233 21.94 -5.25 -4.01
C ASN A 233 21.70 -5.43 -2.51
N ALA A 234 21.24 -4.39 -1.83
CA ALA A 234 20.97 -4.44 -0.40
C ALA A 234 19.88 -5.46 -0.07
N PHE A 235 18.80 -5.39 -0.82
CA PHE A 235 17.66 -6.28 -0.71
C PHE A 235 18.13 -7.71 -1.03
N ARG A 236 18.82 -7.89 -2.13
CA ARG A 236 19.22 -9.24 -2.55
C ARG A 236 20.13 -9.89 -1.50
N TRP A 237 21.05 -9.10 -0.96
CA TRP A 237 22.01 -9.62 0.02
C TRP A 237 21.31 -10.11 1.26
N VAL A 238 20.45 -9.28 1.85
CA VAL A 238 19.74 -9.71 3.03
C VAL A 238 18.91 -10.96 2.77
N VAL A 239 18.23 -10.99 1.62
CA VAL A 239 17.39 -12.16 1.27
C VAL A 239 18.24 -13.42 1.14
N SER A 240 19.41 -13.31 0.51
CA SER A 240 20.26 -14.44 0.21
C SER A 240 20.81 -15.11 1.44
N LYS A 241 20.90 -14.38 2.54
CA LYS A 241 21.60 -14.84 3.74
C LYS A 241 20.70 -15.66 4.70
N ASP A 242 19.45 -15.91 4.32
CA ASP A 242 18.52 -16.65 5.20
C ASP A 242 19.17 -17.96 5.66
N LYS A 243 19.22 -18.19 6.98
CA LYS A 243 19.84 -19.37 7.51
C LYS A 243 19.13 -20.66 7.10
N SER A 244 17.87 -20.54 6.69
CA SER A 244 17.09 -21.69 6.23
CA SER A 244 17.10 -21.67 6.22
C SER A 244 17.46 -22.09 4.81
N GLY A 245 18.26 -21.24 4.11
CA GLY A 245 18.71 -21.55 2.76
C GLY A 245 18.62 -20.30 1.89
N ASN A 246 19.59 -20.13 1.02
CA ASN A 246 19.58 -19.04 0.05
C ASN A 246 18.51 -19.28 -0.98
N PRO A 247 17.47 -18.45 -1.02
CA PRO A 247 16.34 -18.70 -1.92
C PRO A 247 16.76 -18.65 -3.40
N PHE A 248 17.89 -17.99 -3.71
CA PHE A 248 18.33 -17.86 -5.09
C PHE A 248 18.93 -19.14 -5.65
N LEU A 249 19.18 -20.12 -4.77
CA LEU A 249 19.68 -21.42 -5.19
C LEU A 249 18.55 -22.41 -5.50
N LYS A 250 17.30 -22.08 -5.14
CA LYS A 250 16.18 -23.04 -5.29
C LYS A 250 15.91 -23.31 -6.74
N TYR B 7 -23.73 27.80 15.00
CA TYR B 7 -22.46 27.66 14.22
C TYR B 7 -22.64 26.53 13.21
N PRO B 8 -22.34 26.78 11.92
CA PRO B 8 -22.77 25.75 10.99
C PRO B 8 -21.82 24.58 10.80
N ALA B 9 -20.68 24.55 11.53
CA ALA B 9 -19.66 23.52 11.29
C ALA B 9 -19.29 22.68 12.53
N ASN B 10 -19.04 21.40 12.28
CA ASN B 10 -18.53 20.44 13.28
C ASN B 10 -17.10 20.01 12.89
N TYR B 11 -16.14 20.59 13.59
CA TYR B 11 -14.71 20.34 13.37
C TYR B 11 -14.30 19.14 14.21
N ALA B 12 -13.63 18.18 13.58
CA ALA B 12 -13.19 16.97 14.31
C ALA B 12 -12.17 17.30 15.37
N LYS B 13 -12.27 16.65 16.53
CA LYS B 13 -11.26 16.77 17.59
C LYS B 13 -10.26 15.61 17.60
N ALA B 14 -10.60 14.56 16.85
CA ALA B 14 -9.82 13.33 16.80
C ALA B 14 -10.32 12.57 15.55
N PRO B 15 -9.62 11.51 15.12
CA PRO B 15 -10.12 10.79 13.96
C PRO B 15 -11.50 10.19 14.22
N ARG B 16 -12.39 10.26 13.22
CA ARG B 16 -13.82 9.95 13.43
C ARG B 16 -14.18 8.46 13.35
N PHE B 17 -13.38 7.69 12.63
CA PHE B 17 -13.70 6.30 12.31
C PHE B 17 -12.47 5.65 11.70
N LYS B 18 -12.52 4.34 11.51
CA LYS B 18 -11.40 3.60 10.89
C LYS B 18 -11.82 2.94 9.59
N ALA B 19 -10.95 3.01 8.59
CA ALA B 19 -11.20 2.45 7.27
C ALA B 19 -10.01 1.57 6.87
N LEU B 20 -10.28 0.46 6.20
CA LEU B 20 -9.26 -0.43 5.65
C LEU B 20 -9.38 -0.47 4.13
N ILE B 21 -8.28 -0.21 3.44
CA ILE B 21 -8.18 -0.45 2.01
C ILE B 21 -7.50 -1.79 1.80
N TYR B 22 -8.11 -2.63 0.96
CA TYR B 22 -7.50 -3.86 0.47
C TYR B 22 -7.48 -3.85 -1.03
N TYR B 23 -6.31 -4.10 -1.59
CA TYR B 23 -6.21 -4.37 -3.03
C TYR B 23 -5.09 -5.34 -3.28
N THR B 24 -5.11 -5.95 -4.46
CA THR B 24 -4.02 -6.86 -4.89
C THR B 24 -3.12 -6.27 -5.96
N GLN B 25 -1.86 -6.69 -5.95
CA GLN B 25 -0.95 -6.44 -7.06
C GLN B 25 -1.00 -7.58 -8.09
N HIS B 26 -1.70 -8.68 -7.79
CA HIS B 26 -1.75 -9.87 -8.67
C HIS B 26 -3.05 -9.73 -9.43
N ALA B 27 -3.01 -8.85 -10.42
CA ALA B 27 -4.15 -8.53 -11.27
C ALA B 27 -3.59 -7.88 -12.51
N GLU B 28 -4.47 -7.72 -13.52
CA GLU B 28 -4.02 -7.06 -14.72
C GLU B 28 -3.55 -5.67 -14.34
N GLU B 29 -2.59 -5.18 -15.08
CA GLU B 29 -1.94 -3.92 -14.78
CA GLU B 29 -1.94 -3.94 -14.79
C GLU B 29 -2.93 -2.77 -14.57
N ALA B 30 -3.93 -2.65 -15.41
CA ALA B 30 -4.90 -1.56 -15.25
C ALA B 30 -5.64 -1.58 -13.93
N HIS B 31 -5.83 -2.77 -13.38
CA HIS B 31 -6.53 -2.84 -12.11
C HIS B 31 -5.62 -2.53 -10.94
N VAL B 32 -4.33 -2.74 -11.09
CA VAL B 32 -3.38 -2.33 -10.10
C VAL B 32 -3.19 -0.82 -10.16
N GLN B 33 -3.14 -0.23 -11.38
CA GLN B 33 -3.04 1.22 -11.53
C GLN B 33 -4.18 1.94 -10.88
N PHE B 34 -5.40 1.46 -11.11
CA PHE B 34 -6.56 2.11 -10.53
C PHE B 34 -6.45 2.05 -8.96
N ALA B 35 -6.15 0.86 -8.43
CA ALA B 35 -6.04 0.73 -6.99
C ALA B 35 -5.00 1.68 -6.40
N GLU B 36 -3.84 1.81 -7.07
CA GLU B 36 -2.79 2.75 -6.63
C GLU B 36 -3.28 4.21 -6.58
N GLN B 37 -3.93 4.61 -7.67
CA GLN B 37 -4.47 5.98 -7.72
C GLN B 37 -5.63 6.21 -6.76
N ALA B 38 -6.47 5.20 -6.57
CA ALA B 38 -7.57 5.31 -5.62
C ALA B 38 -7.05 5.38 -4.19
N THR B 39 -5.95 4.67 -3.92
CA THR B 39 -5.33 4.71 -2.63
C THR B 39 -4.84 6.12 -2.37
N THR B 40 -4.24 6.78 -3.36
CA THR B 40 -3.82 8.17 -3.23
C THR B 40 -5.03 9.07 -2.97
N PHE B 41 -6.14 8.83 -3.68
CA PHE B 41 -7.37 9.59 -3.49
C PHE B 41 -7.80 9.53 -2.03
N PHE B 42 -7.84 8.34 -1.48
CA PHE B 42 -8.26 8.20 -0.10
C PHE B 42 -7.24 8.74 0.90
N LYS B 43 -5.93 8.61 0.61
CA LYS B 43 -4.90 9.19 1.41
C LYS B 43 -5.12 10.70 1.52
N LYS B 44 -5.40 11.33 0.40
CA LYS B 44 -5.66 12.78 0.37
C LYS B 44 -6.94 13.16 1.13
N LEU B 45 -7.96 12.31 1.09
CA LEU B 45 -9.16 12.53 1.92
C LEU B 45 -8.81 12.47 3.41
N ASN B 46 -7.75 11.76 3.76
CA ASN B 46 -7.28 11.70 5.12
C ASN B 46 -6.20 12.67 5.52
N TYR B 47 -5.89 13.67 4.69
CA TYR B 47 -4.98 14.70 5.13
C TYR B 47 -5.55 15.33 6.39
N GLY B 48 -4.76 15.49 7.43
CA GLY B 48 -5.23 16.05 8.68
C GLY B 48 -5.89 15.03 9.56
N ASP B 49 -5.84 13.76 9.20
CA ASP B 49 -6.29 12.68 10.07
C ASP B 49 -7.75 12.82 10.49
N GLY B 50 -8.61 13.02 9.50
CA GLY B 50 -10.06 12.99 9.73
C GLY B 50 -10.54 11.60 10.17
N PHE B 51 -9.78 10.57 9.79
CA PHE B 51 -10.11 9.18 10.07
C PHE B 51 -8.80 8.41 10.19
N VAL B 52 -8.90 7.15 10.53
CA VAL B 52 -7.75 6.24 10.53
C VAL B 52 -7.87 5.42 9.28
N LEU B 53 -6.81 5.42 8.49
CA LEU B 53 -6.74 4.68 7.25
C LEU B 53 -5.60 3.70 7.30
N ASP B 54 -5.94 2.42 7.17
CA ASP B 54 -4.94 1.33 7.08
C ASP B 54 -5.05 0.76 5.66
N ILE B 55 -3.90 0.37 5.11
CA ILE B 55 -3.81 -0.16 3.76
C ILE B 55 -3.12 -1.51 3.77
N THR B 56 -3.69 -2.47 3.06
CA THR B 56 -3.07 -3.79 2.95
C THR B 56 -3.22 -4.37 1.54
N THR B 57 -2.24 -5.19 1.16
CA THR B 57 -2.40 -6.06 0.01
C THR B 57 -2.53 -7.50 0.42
N ASP B 58 -2.74 -7.77 1.70
CA ASP B 58 -2.86 -9.12 2.22
C ASP B 58 -4.01 -9.27 3.21
N PHE B 59 -5.17 -9.65 2.68
CA PHE B 59 -6.36 -9.79 3.47
C PHE B 59 -6.35 -11.02 4.41
N SER B 60 -5.37 -11.91 4.25
CA SER B 60 -5.21 -13.07 5.14
C SER B 60 -4.93 -12.69 6.59
N LYS B 61 -4.49 -11.46 6.82
CA LYS B 61 -4.11 -10.97 8.16
C LYS B 61 -5.30 -10.39 8.91
N TYR B 62 -6.49 -10.52 8.31
CA TYR B 62 -7.69 -9.85 8.84
C TYR B 62 -8.86 -10.84 9.12
N PRO B 63 -8.70 -11.67 10.11
CA PRO B 63 -9.88 -12.44 10.54
C PRO B 63 -10.95 -11.51 11.06
N TYR B 64 -12.15 -12.05 11.30
CA TYR B 64 -13.28 -11.23 11.73
C TYR B 64 -12.98 -10.37 12.94
N GLU B 65 -12.29 -10.90 13.94
CA GLU B 65 -12.00 -10.12 15.15
CA GLU B 65 -12.02 -10.12 15.14
C GLU B 65 -11.20 -8.86 14.88
N LYS B 66 -10.34 -8.91 13.84
CA LYS B 66 -9.53 -7.73 13.41
C LYS B 66 -10.35 -6.82 12.51
N LEU B 67 -11.25 -7.38 11.75
CA LEU B 67 -12.08 -6.55 10.86
C LEU B 67 -13.12 -5.71 11.60
N LYS B 68 -13.58 -6.20 12.73
CA LYS B 68 -14.59 -5.52 13.54
C LYS B 68 -14.25 -4.11 13.93
N GLU B 69 -12.94 -3.82 14.01
CA GLU B 69 -12.33 -2.51 14.34
C GLU B 69 -12.80 -1.44 13.30
N TYR B 70 -13.11 -1.88 12.09
CA TYR B 70 -13.25 -0.98 10.96
C TYR B 70 -14.70 -0.64 10.65
N ASN B 71 -14.96 0.67 10.50
CA ASN B 71 -16.23 1.12 9.99
C ASN B 71 -16.48 0.58 8.59
N VAL B 72 -15.44 0.61 7.75
CA VAL B 72 -15.58 0.27 6.34
C VAL B 72 -14.31 -0.38 5.81
N ILE B 73 -14.53 -1.34 4.90
CA ILE B 73 -13.48 -1.92 4.06
C ILE B 73 -13.73 -1.46 2.66
N ILE B 74 -12.70 -0.92 2.04
CA ILE B 74 -12.71 -0.44 0.66
C ILE B 74 -11.91 -1.46 -0.17
N LEU B 76 -10.64 -2.25 -3.69
CA LEU B 76 -10.38 -1.49 -4.95
C LEU B 76 -10.30 -2.30 -6.19
N ASN B 77 -9.95 -3.59 -6.11
CA ASN B 77 -9.76 -4.38 -7.33
C ASN B 77 -10.09 -5.87 -7.28
N THR B 78 -10.34 -6.44 -6.11
CA THR B 78 -10.55 -7.88 -6.01
C THR B 78 -11.35 -8.18 -4.73
N SER B 79 -11.84 -9.41 -4.64
CA SER B 79 -12.53 -9.90 -3.46
C SER B 79 -11.73 -11.04 -2.85
N PRO B 80 -12.10 -11.43 -1.62
CA PRO B 80 -11.43 -12.53 -0.94
C PRO B 80 -11.53 -13.84 -1.70
N ASN B 81 -10.43 -14.59 -1.74
CA ASN B 81 -10.38 -15.77 -2.57
C ASN B 81 -10.20 -17.07 -1.78
N THR B 82 -9.80 -17.02 -0.52
CA THR B 82 -9.64 -18.21 0.28
C THR B 82 -10.84 -18.37 1.17
N LYS B 83 -11.13 -19.59 1.60
CA LYS B 83 -12.25 -19.80 2.49
C LYS B 83 -12.16 -19.00 3.80
N ALA B 84 -11.00 -18.96 4.47
CA ALA B 84 -10.86 -18.19 5.70
C ALA B 84 -11.15 -16.69 5.43
N GLU B 85 -10.64 -16.15 4.34
CA GLU B 85 -10.86 -14.72 4.06
C GLU B 85 -12.33 -14.45 3.76
N ARG B 86 -12.91 -15.33 2.96
CA ARG B 86 -14.32 -15.18 2.64
C ARG B 86 -15.19 -15.29 3.85
N ASP B 87 -14.89 -16.21 4.75
CA ASP B 87 -15.69 -16.36 5.96
C ASP B 87 -15.55 -15.15 6.89
N ALA B 88 -14.34 -14.59 6.96
CA ALA B 88 -14.11 -13.39 7.78
C ALA B 88 -14.94 -12.26 7.26
N PHE B 89 -14.91 -12.02 5.94
CA PHE B 89 -15.71 -10.97 5.34
C PHE B 89 -17.21 -11.16 5.53
N GLU B 90 -17.67 -12.39 5.37
CA GLU B 90 -19.11 -12.69 5.61
C GLU B 90 -19.52 -12.32 7.03
N GLN B 91 -18.72 -12.74 8.02
CA GLN B 91 -19.09 -12.48 9.40
C GLN B 91 -19.07 -10.97 9.67
N TYR B 92 -18.06 -10.29 9.13
CA TYR B 92 -17.99 -8.85 9.23
C TYR B 92 -19.23 -8.16 8.69
N GLU B 94 -22.19 -9.43 8.02
CA GLU B 94 -23.43 -9.86 8.70
C GLU B 94 -23.59 -9.19 10.06
N ASN B 95 -22.50 -8.70 10.61
CA ASN B 95 -22.50 -8.05 11.93
C ASN B 95 -22.39 -6.54 11.85
N GLY B 96 -22.74 -5.98 10.71
CA GLY B 96 -22.88 -4.54 10.59
C GLY B 96 -21.69 -3.79 9.98
N GLY B 97 -20.77 -4.52 9.38
CA GLY B 97 -19.63 -3.91 8.71
C GLY B 97 -20.00 -3.13 7.49
N GLY B 98 -19.03 -2.37 7.00
CA GLY B 98 -19.22 -1.50 5.83
C GLY B 98 -18.32 -1.92 4.70
N TRP B 99 -18.83 -1.71 3.49
CA TRP B 99 -18.09 -2.04 2.28
C TRP B 99 -18.27 -1.03 1.17
N VAL B 100 -17.15 -0.70 0.53
CA VAL B 100 -17.18 0.06 -0.74
C VAL B 100 -16.34 -0.78 -1.68
N GLY B 101 -16.97 -1.33 -2.72
CA GLY B 101 -16.29 -2.15 -3.70
C GLY B 101 -16.26 -1.54 -5.05
N PHE B 102 -15.19 -1.82 -5.77
CA PHE B 102 -15.01 -1.32 -7.15
C PHE B 102 -14.73 -2.44 -8.14
N HIS B 103 -15.33 -2.30 -9.33
CA HIS B 103 -14.85 -2.97 -10.52
C HIS B 103 -14.76 -4.48 -10.31
N ALA B 104 -13.59 -5.09 -10.48
CA ALA B 104 -13.53 -6.55 -10.36
C ALA B 104 -13.59 -7.07 -8.92
N ALA B 105 -13.72 -6.21 -7.92
CA ALA B 105 -14.07 -6.70 -6.59
C ALA B 105 -15.38 -7.43 -6.58
N ALA B 106 -16.29 -7.15 -7.52
CA ALA B 106 -17.55 -7.85 -7.62
C ALA B 106 -17.55 -8.99 -8.63
N TYR B 107 -16.47 -9.14 -9.41
CA TYR B 107 -16.46 -10.15 -10.42
C TYR B 107 -16.72 -11.55 -9.79
N ASN B 108 -17.63 -12.30 -10.43
CA ASN B 108 -17.92 -13.65 -9.98
C ASN B 108 -18.50 -14.34 -11.20
N ASP B 109 -18.26 -15.66 -11.27
CA ASP B 109 -18.70 -16.47 -12.39
C ASP B 109 -19.09 -17.87 -11.91
N LYS B 110 -19.38 -18.77 -12.84
CA LYS B 110 -19.84 -20.10 -12.41
C LYS B 110 -18.79 -20.87 -11.61
N ASN B 111 -17.53 -20.46 -11.67
CA ASN B 111 -16.46 -21.15 -10.91
C ASN B 111 -16.10 -20.50 -9.56
N THR B 112 -16.72 -19.36 -9.21
CA THR B 112 -16.43 -18.69 -7.95
C THR B 112 -16.81 -19.53 -6.75
N HIS B 113 -18.01 -20.13 -6.80
CA HIS B 113 -18.50 -20.97 -5.67
C HIS B 113 -18.44 -20.27 -4.32
N TRP B 114 -19.00 -19.05 -4.36
CA TRP B 114 -19.16 -18.26 -3.14
C TRP B 114 -20.57 -17.68 -3.13
N PRO B 115 -21.56 -18.53 -2.89
CA PRO B 115 -22.93 -18.02 -2.98
C PRO B 115 -23.29 -16.91 -2.02
N TRP B 116 -22.71 -16.87 -0.83
CA TRP B 116 -22.98 -15.78 0.08
C TRP B 116 -22.68 -14.45 -0.61
N PHE B 117 -21.57 -14.40 -1.32
CA PHE B 117 -21.12 -13.14 -1.95
C PHE B 117 -22.01 -12.74 -3.11
N VAL B 118 -22.47 -13.71 -3.91
CA VAL B 118 -23.38 -13.41 -4.98
C VAL B 118 -24.66 -12.78 -4.40
N LYS B 119 -25.15 -13.33 -3.31
CA LYS B 119 -26.33 -12.78 -2.64
CA LYS B 119 -26.32 -12.76 -2.61
C LYS B 119 -26.02 -11.37 -2.06
N PHE B 120 -24.85 -11.22 -1.45
CA PHE B 120 -24.42 -9.94 -0.87
C PHE B 120 -24.45 -8.86 -1.97
N LEU B 121 -23.98 -9.19 -3.18
CA LEU B 121 -23.98 -8.23 -4.27
C LEU B 121 -25.35 -7.91 -4.83
N GLY B 122 -26.35 -8.71 -4.51
CA GLY B 122 -27.69 -8.54 -5.01
C GLY B 122 -28.13 -9.55 -6.03
N GLY B 123 -27.32 -10.57 -6.29
CA GLY B 123 -27.71 -11.67 -7.14
C GLY B 123 -27.00 -11.81 -8.46
N GLY B 124 -26.29 -10.78 -8.88
CA GLY B 124 -25.72 -10.77 -10.20
C GLY B 124 -24.44 -11.51 -10.39
N VAL B 125 -24.42 -12.41 -11.35
CA VAL B 125 -23.24 -13.12 -11.82
C VAL B 125 -22.75 -12.40 -13.09
N PHE B 126 -21.42 -12.35 -13.28
CA PHE B 126 -20.90 -11.64 -14.45
C PHE B 126 -21.52 -12.19 -15.72
N TYR B 127 -21.91 -11.30 -16.62
CA TYR B 127 -22.57 -11.66 -17.85
C TYR B 127 -21.78 -11.24 -19.08
N CYS B 128 -21.47 -9.95 -19.20
CA CYS B 128 -20.71 -9.49 -20.38
CA CYS B 128 -20.89 -9.40 -20.42
C CYS B 128 -20.15 -8.09 -20.12
N ASN B 129 -19.32 -7.65 -21.04
CA ASN B 129 -18.65 -6.33 -20.90
C ASN B 129 -18.36 -5.79 -22.30
N ASN B 130 -18.24 -4.47 -22.39
CA ASN B 130 -17.75 -3.88 -23.62
C ASN B 130 -16.22 -3.85 -23.57
N TRP B 131 -15.61 -3.69 -24.75
CA TRP B 131 -14.17 -3.50 -24.84
C TRP B 131 -13.90 -2.69 -26.09
N PRO B 132 -12.99 -1.72 -26.03
CA PRO B 132 -12.10 -1.35 -24.94
C PRO B 132 -12.71 -0.41 -23.94
N PRO B 133 -12.00 -0.11 -22.86
CA PRO B 133 -12.48 0.92 -21.96
C PRO B 133 -12.74 2.24 -22.68
N GLN B 134 -13.84 2.87 -22.33
CA GLN B 134 -14.21 4.14 -22.93
C GLN B 134 -15.12 4.87 -22.00
N PRO B 135 -15.20 6.21 -22.12
CA PRO B 135 -16.20 6.99 -21.35
C PRO B 135 -17.59 6.61 -21.83
N VAL B 136 -18.56 6.86 -21.02
CA VAL B 136 -19.97 6.58 -21.31
C VAL B 136 -20.85 7.62 -20.64
N LEU B 137 -22.02 7.84 -21.21
CA LEU B 137 -23.08 8.67 -20.60
C LEU B 137 -23.72 7.85 -19.47
N VAL B 138 -23.78 8.42 -18.27
CA VAL B 138 -24.40 7.78 -17.12
C VAL B 138 -25.54 8.67 -16.61
N GLU B 139 -26.49 8.03 -15.97
CA GLU B 139 -27.73 8.62 -15.50
CA GLU B 139 -27.68 8.66 -15.48
C GLU B 139 -27.91 8.28 -14.02
N VAL B 140 -28.27 9.28 -13.25
CA VAL B 140 -28.61 9.14 -11.84
C VAL B 140 -30.02 8.59 -11.72
N ASP B 141 -30.16 7.47 -11.01
CA ASP B 141 -31.49 6.83 -10.86
C ASP B 141 -32.35 7.48 -9.80
N ASN B 142 -31.78 7.95 -8.70
CA ASN B 142 -32.49 8.60 -7.62
C ASN B 142 -31.77 9.88 -7.28
N GLU B 143 -32.29 10.99 -7.74
CA GLU B 143 -31.60 12.26 -7.60
C GLU B 143 -31.56 12.82 -6.20
N GLU B 144 -32.32 12.22 -5.30
CA GLU B 144 -32.35 12.65 -3.90
C GLU B 144 -31.48 11.85 -2.96
N HIS B 145 -30.88 10.78 -3.44
CA HIS B 145 -30.12 9.90 -2.54
C HIS B 145 -28.84 10.59 -2.06
N PRO B 146 -28.35 10.30 -0.84
CA PRO B 146 -27.12 10.94 -0.42
C PRO B 146 -25.92 10.73 -1.30
N VAL B 147 -25.86 9.62 -2.04
CA VAL B 147 -24.76 9.39 -2.93
C VAL B 147 -24.77 10.26 -4.19
N THR B 148 -25.98 10.69 -4.60
CA THR B 148 -26.12 11.33 -5.89
C THR B 148 -26.82 12.68 -5.87
N LYS B 149 -27.19 13.20 -4.69
CA LYS B 149 -27.99 14.43 -4.60
C LYS B 149 -27.31 15.67 -5.13
N ASN B 150 -25.98 15.64 -5.09
CA ASN B 150 -25.19 16.75 -5.58
C ASN B 150 -24.46 16.42 -6.87
N LEU B 151 -24.94 15.41 -7.61
CA LEU B 151 -24.42 15.14 -8.92
C LEU B 151 -25.38 15.60 -10.00
N PRO B 152 -24.87 15.98 -11.18
CA PRO B 152 -25.74 16.24 -12.32
C PRO B 152 -26.55 14.99 -12.61
N ALA B 153 -27.78 15.19 -13.08
CA ALA B 153 -28.66 14.03 -13.31
C ALA B 153 -28.12 13.09 -14.38
N SER B 154 -27.34 13.63 -15.31
CA SER B 154 -26.63 12.79 -16.27
C SER B 154 -25.29 13.47 -16.54
N PHE B 155 -24.26 12.68 -16.82
CA PHE B 155 -22.90 13.16 -17.12
C PHE B 155 -22.14 12.06 -17.78
N VAL B 156 -21.02 12.42 -18.34
CA VAL B 156 -20.11 11.45 -18.97
C VAL B 156 -19.10 11.03 -17.89
N ALA B 157 -19.01 9.73 -17.63
CA ALA B 157 -17.99 9.16 -16.74
C ALA B 157 -16.77 8.86 -17.56
N PRO B 158 -15.56 9.02 -17.00
CA PRO B 158 -14.35 8.66 -17.70
C PRO B 158 -14.23 7.19 -18.03
N ALA B 159 -13.21 6.85 -18.79
CA ALA B 159 -13.14 5.54 -19.41
C ALA B 159 -13.02 4.41 -18.38
N SER B 160 -13.79 3.38 -18.66
CA SER B 160 -13.66 2.08 -18.00
C SER B 160 -14.24 1.08 -18.94
N GLU B 161 -13.93 -0.20 -18.73
CA GLU B 161 -14.82 -1.25 -19.30
C GLU B 161 -15.88 -1.53 -18.29
N TRP B 162 -17.06 -1.80 -18.80
CA TRP B 162 -18.28 -1.82 -18.03
C TRP B 162 -18.93 -3.20 -18.08
N TYR B 163 -19.46 -3.65 -16.94
CA TYR B 163 -20.03 -5.02 -16.80
C TYR B 163 -21.53 -5.02 -16.73
N GLN B 164 -22.13 -5.96 -17.45
CA GLN B 164 -23.50 -6.42 -17.21
C GLN B 164 -23.43 -7.72 -16.41
N TRP B 165 -24.53 -7.95 -15.68
CA TRP B 165 -24.69 -9.08 -14.77
C TRP B 165 -25.98 -9.78 -15.10
N THR B 166 -26.06 -11.05 -14.74
CA THR B 166 -27.32 -11.81 -14.81
C THR B 166 -27.58 -12.51 -13.53
N PRO B 167 -28.76 -12.30 -12.95
CA PRO B 167 -29.74 -11.26 -13.28
C PRO B 167 -29.12 -9.88 -13.06
N SER B 168 -29.73 -8.86 -13.63
CA SER B 168 -29.38 -7.48 -13.29
C SER B 168 -29.56 -7.29 -11.79
N PRO B 169 -28.65 -6.57 -11.10
CA PRO B 169 -28.96 -6.24 -9.70
C PRO B 169 -30.28 -5.50 -9.51
N ARG B 170 -30.71 -4.76 -10.52
CA ARG B 170 -31.99 -4.04 -10.42
C ARG B 170 -33.18 -4.96 -10.19
N GLN B 171 -33.08 -6.22 -10.62
CA GLN B 171 -34.19 -7.17 -10.49
C GLN B 171 -34.46 -7.52 -9.05
N ASN B 172 -33.51 -7.26 -8.17
CA ASN B 172 -33.62 -7.53 -6.77
C ASN B 172 -34.29 -6.35 -6.06
N LYS B 173 -35.49 -6.55 -5.51
CA LYS B 173 -36.19 -5.43 -4.86
C LYS B 173 -35.48 -4.87 -3.64
N ASP B 174 -34.54 -5.63 -3.10
CA ASP B 174 -33.72 -5.14 -1.99
C ASP B 174 -32.52 -4.31 -2.43
N VAL B 175 -32.27 -4.25 -3.71
CA VAL B 175 -31.21 -3.41 -4.28
C VAL B 175 -31.75 -2.09 -4.71
N GLU B 176 -31.07 -0.99 -4.34
CA GLU B 176 -31.35 0.31 -4.94
C GLU B 176 -30.21 0.62 -5.90
N VAL B 177 -30.58 0.70 -7.16
CA VAL B 177 -29.66 1.17 -8.20
C VAL B 177 -29.56 2.70 -8.10
N LEU B 178 -28.34 3.18 -8.11
CA LEU B 178 -28.05 4.61 -7.95
C LEU B 178 -27.53 5.29 -9.20
N LEU B 179 -26.81 4.56 -10.02
CA LEU B 179 -26.28 5.11 -11.30
C LEU B 179 -26.32 4.01 -12.34
N SER B 180 -26.69 4.39 -13.57
CA SER B 180 -26.84 3.42 -14.67
C SER B 180 -26.17 3.98 -15.90
N LEU B 181 -25.62 3.09 -16.73
CA LEU B 181 -25.06 3.45 -18.00
C LEU B 181 -26.25 3.63 -18.92
N SER B 182 -26.36 4.77 -19.60
CA SER B 182 -27.51 5.02 -20.42
C SER B 182 -27.62 4.12 -21.66
N PRO B 183 -28.83 3.72 -22.02
CA PRO B 183 -28.96 2.99 -23.29
C PRO B 183 -28.63 3.82 -24.53
N LYS B 184 -28.51 5.13 -24.38
CA LYS B 184 -28.07 5.99 -25.46
C LYS B 184 -26.64 5.63 -25.89
N ASN B 185 -25.91 4.94 -25.04
CA ASN B 185 -24.57 4.46 -25.40
C ASN B 185 -24.51 3.30 -26.38
N TYR B 186 -25.64 2.63 -26.56
CA TYR B 186 -25.69 1.44 -27.45
C TYR B 186 -25.76 1.84 -28.90
N PRO B 187 -25.12 1.05 -29.78
CA PRO B 187 -24.19 -0.04 -29.49
C PRO B 187 -22.85 0.42 -28.92
N LEU B 188 -22.44 -0.25 -27.86
CA LEU B 188 -21.33 0.17 -27.03
C LEU B 188 -20.18 -0.83 -27.23
N GLY B 189 -19.08 -0.35 -27.79
CA GLY B 189 -17.89 -1.17 -27.93
C GLY B 189 -17.31 -1.12 -29.32
N ILE B 190 -16.00 -1.37 -29.38
CA ILE B 190 -15.27 -1.45 -30.65
C ILE B 190 -14.78 -2.88 -30.88
N LYS B 191 -14.09 -3.48 -29.90
CA LYS B 191 -13.77 -4.88 -29.98
C LYS B 191 -14.95 -5.76 -29.62
N ASP B 192 -15.44 -5.63 -28.39
CA ASP B 192 -16.53 -6.41 -27.85
C ASP B 192 -17.70 -5.43 -27.62
N VAL B 193 -18.81 -5.70 -28.31
CA VAL B 193 -19.89 -4.78 -28.48
C VAL B 193 -21.13 -5.25 -27.72
N VAL B 194 -21.65 -4.39 -26.88
CA VAL B 194 -22.88 -4.66 -26.12
C VAL B 194 -23.99 -3.85 -26.76
N ASN B 195 -25.09 -4.53 -27.08
CA ASN B 195 -26.14 -3.95 -27.94
C ASN B 195 -27.44 -3.61 -27.24
N PHE B 196 -27.68 -4.22 -26.08
CA PHE B 196 -28.91 -3.97 -25.36
C PHE B 196 -28.75 -4.48 -23.93
N GLY B 197 -29.76 -4.14 -23.14
CA GLY B 197 -29.90 -4.67 -21.82
C GLY B 197 -29.83 -3.62 -20.73
N ASP B 198 -30.32 -3.98 -19.56
CA ASP B 198 -30.18 -3.11 -18.39
C ASP B 198 -28.66 -2.93 -18.07
N PHE B 199 -28.25 -1.76 -17.58
CA PHE B 199 -26.80 -1.55 -17.34
C PHE B 199 -26.57 -0.72 -16.07
N PRO B 200 -27.02 -1.23 -14.91
CA PRO B 200 -26.70 -0.54 -13.61
C PRO B 200 -25.18 -0.56 -13.37
N ILE B 201 -24.64 0.52 -12.82
CA ILE B 201 -23.22 0.57 -12.52
C ILE B 201 -22.83 0.98 -11.09
N VAL B 202 -23.75 1.57 -10.35
CA VAL B 202 -23.58 1.82 -8.93
C VAL B 202 -24.85 1.43 -8.22
N TRP B 203 -24.73 0.60 -7.17
CA TRP B 203 -25.93 0.19 -6.43
C TRP B 203 -25.61 -0.22 -5.04
N SER B 204 -26.64 -0.40 -4.24
CA SER B 204 -26.53 -0.89 -2.88
C SER B 204 -27.56 -1.93 -2.59
N ASN B 205 -27.12 -3.06 -2.05
CA ASN B 205 -28.01 -4.07 -1.47
C ASN B 205 -28.37 -3.55 -0.10
N LYS B 206 -29.61 -3.13 0.04
CA LYS B 206 -30.07 -2.50 1.28
C LYS B 206 -30.05 -3.41 2.49
N ASN B 207 -29.86 -4.71 2.32
CA ASN B 207 -29.66 -5.60 3.44
C ASN B 207 -28.30 -5.45 4.15
N TYR B 208 -27.39 -4.72 3.53
CA TYR B 208 -26.05 -4.55 4.07
C TYR B 208 -25.67 -3.08 3.99
N ARG B 209 -24.62 -2.70 4.74
CA ARG B 209 -24.12 -1.34 4.69
C ARG B 209 -23.00 -1.32 3.64
N ILE B 211 -21.83 -0.36 -0.73
CA ILE B 211 -22.07 0.19 -2.06
C ILE B 211 -21.07 -0.43 -3.01
N TYR B 212 -21.52 -0.67 -4.25
CA TYR B 212 -20.67 -1.14 -5.35
C TYR B 212 -20.66 -0.12 -6.46
N LEU B 213 -19.46 0.12 -7.02
CA LEU B 213 -19.23 1.02 -8.15
C LEU B 213 -18.48 0.22 -9.17
N ASN B 214 -19.03 0.17 -10.40
CA ASN B 214 -18.46 -0.73 -11.41
C ASN B 214 -17.16 -0.20 -12.04
N GLY B 216 -13.35 1.31 -12.41
CA GLY B 216 -12.05 1.25 -11.73
C GLY B 216 -11.00 0.58 -12.57
N HIS B 217 -10.68 1.19 -13.74
CA HIS B 217 -9.75 0.61 -14.71
C HIS B 217 -8.73 1.61 -15.20
N GLY B 218 -7.45 1.35 -14.97
CA GLY B 218 -6.37 2.19 -15.55
C GLY B 218 -5.95 3.34 -14.69
N ASP B 219 -5.24 4.27 -15.31
CA ASP B 219 -4.56 5.34 -14.62
C ASP B 219 -5.09 6.73 -14.94
N GLU B 220 -6.32 6.80 -15.43
CA GLU B 220 -6.93 8.10 -15.75
C GLU B 220 -8.36 8.18 -15.21
N GLU B 221 -8.69 7.42 -14.15
CA GLU B 221 -10.05 7.42 -13.62
C GLU B 221 -10.42 8.69 -12.79
N PHE B 222 -9.41 9.50 -12.44
CA PHE B 222 -9.63 10.65 -11.55
C PHE B 222 -9.54 11.96 -12.32
N ILE B 223 -9.71 11.92 -13.66
CA ILE B 223 -9.61 13.14 -14.48
C ILE B 223 -10.82 14.07 -14.39
N ASP B 224 -11.94 13.63 -13.83
CA ASP B 224 -13.12 14.49 -13.79
C ASP B 224 -13.69 14.66 -12.40
N GLY B 225 -13.96 15.92 -12.07
CA GLY B 225 -14.56 16.25 -10.77
C GLY B 225 -15.87 15.52 -10.47
N THR B 226 -16.74 15.32 -11.47
CA THR B 226 -18.05 14.71 -11.23
C THR B 226 -17.92 13.29 -10.70
N GLN B 227 -17.12 12.43 -11.38
CA GLN B 227 -16.93 11.09 -10.89
C GLN B 227 -16.20 11.06 -9.57
N ASN B 228 -15.22 11.97 -9.42
CA ASN B 228 -14.50 12.06 -8.15
C ASN B 228 -15.48 12.33 -7.01
N LEU B 229 -16.47 13.17 -7.26
CA LEU B 229 -17.47 13.49 -6.24
C LEU B 229 -18.35 12.28 -5.94
N LEU B 230 -18.71 11.49 -6.95
CA LEU B 230 -19.41 10.24 -6.75
C LEU B 230 -18.65 9.35 -5.75
N LEU B 231 -17.34 9.24 -5.91
CA LEU B 231 -16.55 8.43 -5.01
C LEU B 231 -16.54 8.95 -3.60
N VAL B 232 -16.32 10.26 -3.41
CA VAL B 232 -16.42 10.86 -2.09
C VAL B 232 -17.77 10.50 -1.45
N ASN B 233 -18.85 10.73 -2.17
CA ASN B 233 -20.20 10.53 -1.67
C ASN B 233 -20.44 9.07 -1.29
N ALA B 234 -19.95 8.14 -2.10
CA ALA B 234 -20.17 6.74 -1.86
C ALA B 234 -19.54 6.31 -0.56
N PHE B 235 -18.28 6.69 -0.37
CA PHE B 235 -17.54 6.45 0.86
C PHE B 235 -18.25 7.10 2.06
N ARG B 236 -18.60 8.35 1.94
CA ARG B 236 -19.21 9.10 3.06
C ARG B 236 -20.50 8.44 3.48
N TRP B 237 -21.29 8.02 2.51
CA TRP B 237 -22.60 7.46 2.82
C TRP B 237 -22.48 6.17 3.58
N VAL B 238 -21.66 5.25 3.08
CA VAL B 238 -21.45 3.98 3.80
C VAL B 238 -20.94 4.21 5.22
N VAL B 239 -20.00 5.10 5.37
CA VAL B 239 -19.41 5.41 6.69
C VAL B 239 -20.48 5.97 7.65
N SER B 240 -21.32 6.85 7.14
CA SER B 240 -22.32 7.58 7.93
C SER B 240 -23.37 6.66 8.54
N LYS B 241 -23.56 5.48 7.94
CA LYS B 241 -24.69 4.58 8.29
C LYS B 241 -24.35 3.57 9.40
N ASP B 242 -23.14 3.66 9.97
CA ASP B 242 -22.71 2.74 11.03
C ASP B 242 -23.79 2.67 12.13
N LYS B 243 -24.24 1.48 12.45
CA LYS B 243 -25.30 1.32 13.46
C LYS B 243 -24.85 1.76 14.84
N SER B 244 -23.55 1.83 15.06
CA SER B 244 -22.99 2.31 16.33
CA SER B 244 -23.02 2.31 16.33
C SER B 244 -23.04 3.84 16.45
N GLY B 245 -23.40 4.53 15.36
CA GLY B 245 -23.50 5.98 15.38
C GLY B 245 -22.86 6.58 14.12
N ASN B 246 -23.50 7.64 13.60
CA ASN B 246 -22.89 8.35 12.47
C ASN B 246 -21.65 9.11 12.92
N PRO B 247 -20.45 8.72 12.41
CA PRO B 247 -19.21 9.35 12.90
C PRO B 247 -19.14 10.85 12.62
N PHE B 248 -19.93 11.31 11.65
CA PHE B 248 -19.88 12.75 11.28
C PHE B 248 -20.61 13.63 12.23
N LEU B 249 -21.35 13.02 13.16
CA LEU B 249 -22.00 13.76 14.22
C LEU B 249 -21.13 13.90 15.49
N LYS B 250 -20.00 13.17 15.56
CA LYS B 250 -19.17 13.15 16.78
C LYS B 250 -18.57 14.51 17.02
#